data_7ZY2
#
_entry.id   7ZY2
#
_cell.length_a   58.782
_cell.length_b   45.916
_cell.length_c   63.286
_cell.angle_alpha   90.000
_cell.angle_beta   111.880
_cell.angle_gamma   90.000
#
_symmetry.space_group_name_H-M   'P 1 21 1'
#
loop_
_entity.id
_entity.type
_entity.pdbx_description
1 polymer 'Casein kinase II subunit alpha'
2 non-polymer "ADENOSINE-5'-TRIPHOSPHATE"
3 non-polymer 'ACETATE ION'
4 non-polymer 5-bromanyl-1~{H}-indole
5 water water
#
_entity_poly.entity_id   1
_entity_poly.type   'polypeptide(L)'
_entity_poly.pdbx_seq_one_letter_code
;SGPVPSRARVYTDVNTHRPSEYWDYESHVVEWGNQDDYQLVRKLGRGKYSEVFEAINITNNEKVVVKILKPVAAAKIKRE
IKILENLRGGPNIITLADIVKDPVSRTPALVFEHVNNTDFKQLYQTLTDYDIRFYMYEILKALDYCHSMGIMHRDVKPHN
VMIDHEHRKLRLIDWGLAEFYHPGQEYNVRVASRYFKGPELLVDYQMYDYSLDMWSLGCMLASMIFRKEPFFHGHDNYDQ
LVRIAKVLGTEDLYDYIDKYNIELDPRFNDILGRHSRKRWERFVHSENQHLVSPEALDFLDKLLRYDHQSRLTAREAMEH
PYFYTVVK
;
_entity_poly.pdbx_strand_id   A
#
loop_
_chem_comp.id
_chem_comp.type
_chem_comp.name
_chem_comp.formula
ACT non-polymer 'ACETATE ION' 'C2 H3 O2 -1'
ATP non-polymer ADENOSINE-5'-TRIPHOSPHATE 'C10 H16 N5 O13 P3'
H4N non-polymer 5-bromanyl-1~{H}-indole 'C8 H6 Br N'
#
# COMPACT_ATOMS: atom_id res chain seq x y z
N GLY A 2 -7.78 22.40 -18.44
CA GLY A 2 -7.80 21.63 -17.19
C GLY A 2 -6.62 20.68 -17.06
N PRO A 3 -6.65 19.71 -16.10
CA PRO A 3 -5.49 18.78 -15.99
C PRO A 3 -5.33 17.88 -17.21
N VAL A 4 -4.07 17.57 -17.56
CA VAL A 4 -3.73 16.67 -18.67
C VAL A 4 -4.07 15.23 -18.19
N PRO A 5 -4.71 14.40 -19.03
CA PRO A 5 -5.01 13.02 -18.59
C PRO A 5 -3.73 12.17 -18.45
N SER A 6 -3.88 11.07 -17.72
CA SER A 6 -2.83 10.13 -17.43
C SER A 6 -3.42 8.75 -17.43
N ARG A 7 -2.60 7.79 -17.83
CA ARG A 7 -2.96 6.38 -17.76
C ARG A 7 -1.74 5.59 -17.37
N ALA A 8 -1.98 4.47 -16.71
CA ALA A 8 -0.91 3.57 -16.29
C ALA A 8 -0.08 3.15 -17.53
N ARG A 9 1.22 2.88 -17.29
CA ARG A 9 2.07 2.39 -18.39
C ARG A 9 2.02 0.85 -18.47
N VAL A 10 1.36 0.21 -17.50
CA VAL A 10 1.20 -1.23 -17.47
C VAL A 10 -0.24 -1.58 -17.04
N TYR A 11 -0.69 -2.80 -17.42
CA TYR A 11 -1.97 -3.32 -16.98
C TYR A 11 -3.15 -2.36 -17.22
N THR A 12 -3.07 -1.60 -18.32
N THR A 12 -3.10 -1.58 -18.30
CA THR A 12 -4.08 -0.61 -18.68
CA THR A 12 -4.22 -0.68 -18.57
C THR A 12 -5.42 -1.28 -19.14
C THR A 12 -5.49 -1.42 -18.95
N ASP A 13 -5.34 -2.49 -19.75
CA ASP A 13 -6.46 -3.23 -20.32
C ASP A 13 -7.03 -4.40 -19.53
N VAL A 14 -6.52 -4.65 -18.33
N VAL A 14 -6.53 -4.64 -18.31
CA VAL A 14 -6.91 -5.80 -17.55
CA VAL A 14 -6.97 -5.79 -17.54
C VAL A 14 -8.43 -5.85 -17.27
C VAL A 14 -8.48 -5.80 -17.39
N ASN A 15 -9.06 -4.72 -16.86
CA ASN A 15 -10.50 -4.69 -16.54
C ASN A 15 -11.41 -4.65 -17.76
N THR A 16 -10.90 -4.27 -18.91
CA THR A 16 -11.77 -4.35 -20.10
C THR A 16 -11.72 -5.76 -20.73
N HIS A 17 -10.62 -6.51 -20.54
N HIS A 17 -10.59 -6.49 -20.57
CA HIS A 17 -10.58 -7.84 -21.15
CA HIS A 17 -10.37 -7.86 -21.06
C HIS A 17 -11.08 -8.96 -20.22
C HIS A 17 -11.16 -8.89 -20.25
N ARG A 18 -11.36 -8.62 -18.95
CA ARG A 18 -12.02 -9.53 -18.02
C ARG A 18 -13.55 -9.32 -18.13
N PRO A 19 -14.42 -10.33 -17.85
CA PRO A 19 -15.87 -10.08 -17.94
C PRO A 19 -16.34 -9.04 -16.90
N SER A 20 -17.43 -8.31 -17.20
CA SER A 20 -17.95 -7.24 -16.33
C SER A 20 -18.18 -7.68 -14.88
N GLU A 21 -18.53 -8.96 -14.66
CA GLU A 21 -18.76 -9.58 -13.35
C GLU A 21 -17.50 -9.44 -12.47
N TYR A 22 -16.33 -9.34 -13.11
CA TYR A 22 -15.05 -9.24 -12.37
C TYR A 22 -14.91 -7.91 -11.61
N TRP A 23 -15.22 -6.78 -12.26
CA TRP A 23 -15.00 -5.46 -11.67
C TRP A 23 -16.26 -4.73 -11.22
N ASP A 24 -17.44 -5.17 -11.71
CA ASP A 24 -18.70 -4.53 -11.38
C ASP A 24 -19.14 -5.09 -10.02
N TYR A 25 -18.49 -4.57 -8.93
CA TYR A 25 -18.70 -5.05 -7.58
C TYR A 25 -20.14 -4.83 -7.08
N GLU A 26 -20.83 -3.81 -7.59
CA GLU A 26 -22.22 -3.52 -7.20
C GLU A 26 -23.17 -4.66 -7.56
N SER A 27 -22.92 -5.35 -8.68
CA SER A 27 -23.76 -6.44 -9.16
C SER A 27 -23.48 -7.77 -8.45
N HIS A 28 -22.40 -7.84 -7.65
CA HIS A 28 -21.98 -9.07 -6.95
C HIS A 28 -22.95 -9.51 -5.85
N VAL A 29 -23.38 -10.77 -5.89
CA VAL A 29 -24.27 -11.31 -4.86
C VAL A 29 -23.39 -12.01 -3.80
N VAL A 30 -23.40 -11.50 -2.56
CA VAL A 30 -22.61 -12.03 -1.44
C VAL A 30 -23.13 -13.41 -1.01
N GLU A 31 -22.22 -14.39 -0.86
CA GLU A 31 -22.57 -15.74 -0.39
C GLU A 31 -22.29 -15.74 1.11
N TRP A 32 -23.36 -15.64 1.92
CA TRP A 32 -23.24 -15.58 3.39
C TRP A 32 -22.99 -16.93 4.02
N GLY A 33 -22.04 -16.96 4.94
CA GLY A 33 -21.66 -18.14 5.71
C GLY A 33 -22.41 -18.19 7.04
N ASN A 34 -22.05 -19.15 7.90
CA ASN A 34 -22.69 -19.31 9.22
C ASN A 34 -21.92 -18.59 10.32
N GLN A 35 -22.51 -17.53 10.90
CA GLN A 35 -21.83 -16.80 11.98
C GLN A 35 -21.50 -17.68 13.22
N ASP A 36 -22.30 -18.74 13.48
CA ASP A 36 -22.09 -19.66 14.62
C ASP A 36 -20.81 -20.47 14.55
N ASP A 37 -20.18 -20.57 13.33
CA ASP A 37 -18.93 -21.29 13.15
C ASP A 37 -17.77 -20.57 13.86
N TYR A 38 -17.98 -19.29 14.24
CA TYR A 38 -16.91 -18.48 14.80
C TYR A 38 -17.19 -18.02 16.21
N GLN A 39 -16.17 -18.14 17.08
CA GLN A 39 -16.26 -17.67 18.46
C GLN A 39 -15.21 -16.59 18.66
N LEU A 40 -15.65 -15.37 18.99
CA LEU A 40 -14.70 -14.27 19.22
C LEU A 40 -13.93 -14.53 20.51
N VAL A 41 -12.62 -14.30 20.48
CA VAL A 41 -11.73 -14.60 21.62
C VAL A 41 -11.24 -13.33 22.30
N ARG A 42 -10.75 -12.36 21.50
CA ARG A 42 -10.26 -11.08 21.99
C ARG A 42 -10.26 -10.02 20.91
N LYS A 43 -10.51 -8.78 21.33
CA LYS A 43 -10.51 -7.59 20.48
C LYS A 43 -9.05 -7.20 20.26
N LEU A 44 -8.60 -7.20 19.00
CA LEU A 44 -7.23 -6.82 18.65
C LEU A 44 -7.11 -5.30 18.48
N GLY A 45 -8.13 -4.70 17.88
CA GLY A 45 -8.16 -3.25 17.67
C GLY A 45 -9.40 -2.76 16.97
N ARG A 46 -9.53 -1.44 16.90
CA ARG A 46 -10.63 -0.77 16.21
C ARG A 46 -10.04 0.41 15.46
N GLY A 47 -10.34 0.47 14.17
CA GLY A 47 -9.93 1.57 13.30
C GLY A 47 -11.18 2.35 12.92
N LYS A 48 -11.07 3.25 11.92
CA LYS A 48 -12.23 4.04 11.48
C LYS A 48 -13.27 3.18 10.77
N TYR A 49 -12.84 2.05 10.18
CA TYR A 49 -13.79 1.27 9.40
C TYR A 49 -14.20 -0.06 10.00
N SER A 50 -13.45 -0.60 10.99
CA SER A 50 -13.84 -1.89 11.57
C SER A 50 -13.28 -2.15 12.95
N GLU A 51 -13.90 -3.12 13.65
CA GLU A 51 -13.46 -3.65 14.93
C GLU A 51 -12.88 -5.03 14.56
N VAL A 52 -11.63 -5.30 14.97
CA VAL A 52 -10.89 -6.50 14.62
C VAL A 52 -10.75 -7.43 15.83
N PHE A 53 -11.06 -8.72 15.61
CA PHE A 53 -11.02 -9.75 16.66
C PHE A 53 -10.23 -10.96 16.26
N GLU A 54 -9.55 -11.55 17.24
CA GLU A 54 -8.92 -12.85 17.15
C GLU A 54 -10.12 -13.76 17.46
N ALA A 55 -10.32 -14.80 16.67
CA ALA A 55 -11.44 -15.71 16.86
C ALA A 55 -10.99 -17.13 16.55
N ILE A 56 -11.88 -18.11 16.76
CA ILE A 56 -11.65 -19.52 16.48
C ILE A 56 -12.77 -20.01 15.61
N ASN A 57 -12.44 -20.77 14.56
CA ASN A 57 -13.41 -21.41 13.69
C ASN A 57 -13.65 -22.76 14.35
N ILE A 58 -14.79 -22.93 15.03
CA ILE A 58 -15.13 -24.14 15.79
C ILE A 58 -15.44 -25.38 14.91
N THR A 59 -15.49 -25.24 13.57
CA THR A 59 -15.73 -26.38 12.67
C THR A 59 -14.42 -27.12 12.33
N ASN A 60 -13.27 -26.46 12.57
CA ASN A 60 -11.94 -27.02 12.29
C ASN A 60 -10.90 -26.70 13.38
N ASN A 61 -11.33 -25.97 14.43
CA ASN A 61 -10.53 -25.53 15.60
C ASN A 61 -9.35 -24.59 15.24
N GLU A 62 -9.39 -23.96 14.05
CA GLU A 62 -8.32 -23.05 13.60
C GLU A 62 -8.56 -21.58 13.96
N LYS A 63 -7.47 -20.86 14.31
CA LYS A 63 -7.47 -19.44 14.62
C LYS A 63 -7.85 -18.66 13.37
N VAL A 64 -8.71 -17.66 13.52
CA VAL A 64 -9.09 -16.78 12.40
C VAL A 64 -9.10 -15.34 12.89
N VAL A 65 -9.19 -14.37 11.96
CA VAL A 65 -9.30 -12.99 12.32
C VAL A 65 -10.62 -12.52 11.76
N VAL A 66 -11.43 -11.86 12.60
CA VAL A 66 -12.73 -11.36 12.20
C VAL A 66 -12.71 -9.83 12.21
N LYS A 67 -13.10 -9.23 11.09
CA LYS A 67 -13.18 -7.81 10.89
C LYS A 67 -14.69 -7.46 10.81
N ILE A 68 -15.25 -6.88 11.90
CA ILE A 68 -16.67 -6.53 11.88
C ILE A 68 -16.75 -5.09 11.38
N LEU A 69 -17.32 -4.91 10.20
CA LEU A 69 -17.36 -3.62 9.55
C LEU A 69 -18.30 -2.63 10.20
N LYS A 70 -17.84 -1.38 10.35
CA LYS A 70 -18.65 -0.29 10.89
C LYS A 70 -19.63 0.13 9.77
N PRO A 71 -20.82 0.73 10.07
CA PRO A 71 -21.75 1.11 8.98
C PRO A 71 -21.14 1.97 7.85
N VAL A 72 -20.15 2.82 8.20
CA VAL A 72 -19.43 3.68 7.24
C VAL A 72 -18.65 2.81 6.21
N ALA A 73 -18.16 1.61 6.63
CA ALA A 73 -17.46 0.65 5.77
C ALA A 73 -18.44 -0.32 5.12
N ALA A 74 -19.56 -0.60 5.82
CA ALA A 74 -20.64 -1.51 5.39
C ALA A 74 -21.29 -1.10 4.04
N ALA A 75 -21.11 0.16 3.61
CA ALA A 75 -21.64 0.66 2.34
C ALA A 75 -20.77 0.15 1.18
N LYS A 76 -19.44 0.33 1.28
CA LYS A 76 -18.48 -0.11 0.27
C LYS A 76 -17.86 -1.47 0.61
N ILE A 77 -18.70 -2.44 0.98
CA ILE A 77 -18.23 -3.80 1.33
C ILE A 77 -18.20 -4.72 0.11
N LYS A 78 -19.14 -4.55 -0.83
CA LYS A 78 -19.09 -5.39 -2.02
C LYS A 78 -17.78 -5.13 -2.78
N ARG A 79 -17.22 -3.89 -2.69
CA ARG A 79 -15.95 -3.55 -3.37
C ARG A 79 -14.83 -4.36 -2.70
N GLU A 80 -14.70 -4.22 -1.36
CA GLU A 80 -13.69 -4.97 -0.61
C GLU A 80 -13.86 -6.48 -0.79
N ILE A 81 -15.12 -7.01 -0.69
CA ILE A 81 -15.38 -8.44 -0.89
C ILE A 81 -14.97 -8.92 -2.29
N LYS A 82 -15.38 -8.15 -3.34
CA LYS A 82 -15.07 -8.51 -4.72
C LYS A 82 -13.57 -8.52 -4.95
N ILE A 83 -12.88 -7.52 -4.40
CA ILE A 83 -11.42 -7.46 -4.53
C ILE A 83 -10.77 -8.66 -3.82
N LEU A 84 -11.20 -8.95 -2.58
CA LEU A 84 -10.63 -10.06 -1.83
C LEU A 84 -10.87 -11.41 -2.49
N GLU A 85 -12.09 -11.61 -3.05
CA GLU A 85 -12.42 -12.84 -3.77
C GLU A 85 -11.61 -12.93 -5.09
N ASN A 86 -11.48 -11.80 -5.81
CA ASN A 86 -10.69 -11.77 -7.04
C ASN A 86 -9.22 -12.14 -6.81
N LEU A 87 -8.63 -11.63 -5.72
CA LEU A 87 -7.23 -11.84 -5.42
C LEU A 87 -6.92 -13.08 -4.60
N ARG A 88 -7.96 -13.80 -4.12
CA ARG A 88 -7.77 -14.96 -3.28
C ARG A 88 -6.85 -16.00 -3.91
N GLY A 89 -5.88 -16.46 -3.12
CA GLY A 89 -4.87 -17.44 -3.54
C GLY A 89 -3.64 -16.83 -4.21
N GLY A 90 -3.68 -15.51 -4.45
CA GLY A 90 -2.56 -14.79 -5.03
C GLY A 90 -1.38 -14.69 -4.09
N PRO A 91 -0.14 -14.53 -4.62
CA PRO A 91 1.04 -14.51 -3.74
C PRO A 91 1.03 -13.43 -2.69
N ASN A 92 1.14 -13.88 -1.41
CA ASN A 92 1.22 -12.98 -0.28
C ASN A 92 -0.03 -12.09 -0.07
N ILE A 93 -1.21 -12.50 -0.62
CA ILE A 93 -2.48 -11.78 -0.45
C ILE A 93 -3.20 -12.48 0.71
N ILE A 94 -3.70 -11.71 1.67
CA ILE A 94 -4.47 -12.31 2.76
C ILE A 94 -5.66 -13.08 2.20
N THR A 95 -5.95 -14.25 2.79
CA THR A 95 -7.05 -15.10 2.35
C THR A 95 -8.35 -14.81 3.10
N LEU A 96 -9.38 -14.38 2.34
CA LEU A 96 -10.72 -14.21 2.89
C LEU A 96 -11.32 -15.63 3.02
N ALA A 97 -11.51 -16.07 4.24
CA ALA A 97 -12.03 -17.40 4.57
C ALA A 97 -13.55 -17.49 4.52
N ASP A 98 -14.25 -16.40 4.89
CA ASP A 98 -15.72 -16.40 4.95
C ASP A 98 -16.25 -14.97 5.10
N ILE A 99 -17.57 -14.80 4.88
CA ILE A 99 -18.29 -13.55 5.02
C ILE A 99 -19.56 -13.95 5.78
N VAL A 100 -19.78 -13.32 6.94
CA VAL A 100 -20.96 -13.66 7.80
C VAL A 100 -21.63 -12.36 8.24
N LYS A 101 -22.88 -12.47 8.73
CA LYS A 101 -23.66 -11.34 9.24
C LYS A 101 -23.49 -11.38 10.75
N ASP A 102 -22.89 -10.34 11.34
CA ASP A 102 -22.70 -10.28 12.79
C ASP A 102 -24.07 -10.06 13.42
N PRO A 103 -24.42 -10.91 14.42
CA PRO A 103 -25.75 -10.82 15.03
C PRO A 103 -25.99 -9.56 15.85
N VAL A 104 -24.90 -8.94 16.36
CA VAL A 104 -25.00 -7.75 17.21
C VAL A 104 -24.96 -6.46 16.40
N SER A 105 -23.92 -6.26 15.58
CA SER A 105 -23.75 -5.04 14.80
C SER A 105 -24.75 -4.94 13.65
N ARG A 106 -25.27 -6.10 13.19
CA ARG A 106 -26.15 -6.22 12.03
C ARG A 106 -25.44 -5.71 10.76
N THR A 107 -24.14 -6.00 10.70
CA THR A 107 -23.27 -5.61 9.58
C THR A 107 -22.42 -6.83 9.17
N PRO A 108 -21.78 -6.78 7.98
CA PRO A 108 -20.96 -7.93 7.58
C PRO A 108 -19.68 -8.01 8.40
N ALA A 109 -19.23 -9.23 8.61
CA ALA A 109 -18.00 -9.53 9.30
C ALA A 109 -17.19 -10.39 8.33
N LEU A 110 -16.00 -9.89 7.97
CA LEU A 110 -15.11 -10.62 7.10
C LEU A 110 -14.20 -11.49 7.93
N VAL A 111 -14.10 -12.77 7.57
CA VAL A 111 -13.29 -13.74 8.29
C VAL A 111 -12.04 -14.02 7.45
N PHE A 112 -10.85 -13.79 8.02
CA PHE A 112 -9.56 -13.97 7.36
C PHE A 112 -8.75 -15.08 8.00
N GLU A 113 -7.78 -15.62 7.24
CA GLU A 113 -6.83 -16.60 7.79
C GLU A 113 -6.04 -15.85 8.85
N HIS A 114 -5.61 -16.55 9.90
CA HIS A 114 -4.86 -15.88 10.94
C HIS A 114 -3.38 -15.91 10.54
N VAL A 115 -2.66 -14.83 10.85
CA VAL A 115 -1.23 -14.75 10.65
C VAL A 115 -0.65 -14.48 12.02
N ASN A 116 0.25 -15.35 12.50
CA ASN A 116 0.91 -15.16 13.80
C ASN A 116 2.00 -14.11 13.55
N ASN A 117 1.59 -12.85 13.46
CA ASN A 117 2.50 -11.77 13.12
C ASN A 117 3.44 -11.40 14.22
N THR A 118 4.71 -11.21 13.84
CA THR A 118 5.77 -10.76 14.72
C THR A 118 5.50 -9.30 15.03
N ASP A 119 5.77 -8.87 16.28
CA ASP A 119 5.56 -7.50 16.74
C ASP A 119 6.22 -6.50 15.77
N PHE A 120 5.47 -5.44 15.36
CA PHE A 120 5.94 -4.42 14.42
C PHE A 120 7.20 -3.69 14.85
N LYS A 121 7.30 -3.30 16.14
CA LYS A 121 8.48 -2.61 16.67
C LYS A 121 9.69 -3.52 16.58
N GLN A 122 9.51 -4.80 16.98
N GLN A 122 9.52 -4.81 16.98
CA GLN A 122 10.55 -5.82 16.94
CA GLN A 122 10.54 -5.85 16.94
C GLN A 122 11.10 -6.03 15.54
C GLN A 122 11.10 -5.98 15.53
N LEU A 123 10.23 -6.11 14.51
CA LEU A 123 10.66 -6.24 13.12
C LEU A 123 11.42 -4.97 12.67
N TYR A 124 10.82 -3.79 12.88
CA TYR A 124 11.48 -2.53 12.47
C TYR A 124 12.88 -2.42 13.11
N GLN A 125 12.96 -2.73 14.40
CA GLN A 125 14.24 -2.61 15.11
C GLN A 125 15.27 -3.70 14.83
N THR A 126 14.87 -4.92 14.39
CA THR A 126 15.86 -5.96 14.23
C THR A 126 16.04 -6.55 12.83
N LEU A 127 15.10 -6.27 11.89
CA LEU A 127 15.35 -6.86 10.57
C LEU A 127 16.72 -6.42 10.04
N THR A 128 17.43 -7.37 9.47
CA THR A 128 18.74 -7.11 8.91
C THR A 128 18.60 -6.57 7.50
N ASP A 129 19.74 -6.16 6.90
CA ASP A 129 19.77 -5.70 5.51
C ASP A 129 19.17 -6.80 4.61
N TYR A 130 19.64 -8.06 4.79
CA TYR A 130 19.10 -9.15 3.99
C TYR A 130 17.56 -9.32 4.16
N ASP A 131 17.07 -9.26 5.40
CA ASP A 131 15.64 -9.44 5.70
C ASP A 131 14.80 -8.33 5.03
N ILE A 132 15.32 -7.09 5.01
CA ILE A 132 14.58 -5.99 4.38
C ILE A 132 14.44 -6.30 2.89
N ARG A 133 15.54 -6.72 2.24
CA ARG A 133 15.48 -7.07 0.81
C ARG A 133 14.49 -8.21 0.59
N PHE A 134 14.60 -9.25 1.46
CA PHE A 134 13.76 -10.43 1.34
C PHE A 134 12.28 -10.06 1.43
N TYR A 135 11.90 -9.31 2.48
CA TYR A 135 10.50 -8.95 2.68
C TYR A 135 9.99 -7.92 1.65
N MET A 136 10.88 -7.01 1.21
N MET A 136 10.87 -6.99 1.21
CA MET A 136 10.49 -6.06 0.16
CA MET A 136 10.47 -6.07 0.14
C MET A 136 10.14 -6.82 -1.16
C MET A 136 10.09 -6.88 -1.12
N TYR A 137 10.90 -7.88 -1.47
CA TYR A 137 10.64 -8.73 -2.66
C TYR A 137 9.30 -9.47 -2.48
N GLU A 138 9.00 -9.95 -1.26
CA GLU A 138 7.71 -10.56 -0.97
C GLU A 138 6.54 -9.56 -1.18
N ILE A 139 6.69 -8.29 -0.71
CA ILE A 139 5.64 -7.28 -0.90
C ILE A 139 5.46 -7.03 -2.42
N LEU A 140 6.60 -6.97 -3.17
CA LEU A 140 6.51 -6.74 -4.60
C LEU A 140 5.72 -7.84 -5.30
N LYS A 141 5.83 -9.10 -4.83
CA LYS A 141 5.03 -10.19 -5.42
C LYS A 141 3.51 -9.88 -5.25
N ALA A 142 3.11 -9.40 -4.05
CA ALA A 142 1.70 -9.10 -3.80
C ALA A 142 1.26 -7.95 -4.68
N LEU A 143 2.09 -6.85 -4.77
CA LEU A 143 1.68 -5.68 -5.54
C LEU A 143 1.66 -5.99 -7.03
N ASP A 144 2.67 -6.75 -7.53
CA ASP A 144 2.57 -7.05 -8.97
C ASP A 144 1.33 -7.92 -9.25
N TYR A 145 1.05 -8.85 -8.30
CA TYR A 145 -0.15 -9.66 -8.50
C TYR A 145 -1.41 -8.80 -8.54
N CYS A 146 -1.61 -7.94 -7.51
CA CYS A 146 -2.86 -7.20 -7.53
C CYS A 146 -2.92 -6.20 -8.70
N HIS A 147 -1.79 -5.57 -9.04
CA HIS A 147 -1.81 -4.66 -10.21
C HIS A 147 -2.12 -5.42 -11.52
N SER A 148 -1.54 -6.65 -11.64
CA SER A 148 -1.78 -7.48 -12.86
C SER A 148 -3.24 -7.90 -12.93
N MET A 149 -3.89 -7.89 -11.76
CA MET A 149 -5.33 -8.21 -11.60
C MET A 149 -6.21 -6.97 -11.69
N GLY A 150 -5.63 -5.84 -12.09
CA GLY A 150 -6.41 -4.63 -12.30
C GLY A 150 -6.86 -3.92 -11.05
N ILE A 151 -6.09 -4.11 -9.95
CA ILE A 151 -6.45 -3.54 -8.66
C ILE A 151 -5.26 -2.77 -8.05
N MET A 152 -5.54 -1.61 -7.48
CA MET A 152 -4.55 -0.84 -6.73
C MET A 152 -4.93 -0.89 -5.26
N HIS A 153 -3.95 -1.10 -4.38
CA HIS A 153 -4.20 -1.24 -2.96
C HIS A 153 -4.58 0.09 -2.28
N ARG A 154 -3.80 1.15 -2.54
CA ARG A 154 -4.03 2.53 -2.09
C ARG A 154 -3.86 2.71 -0.60
N ASP A 155 -3.40 1.69 0.10
CA ASP A 155 -3.16 1.89 1.52
C ASP A 155 -1.97 1.08 1.96
N VAL A 156 -0.91 1.11 1.14
CA VAL A 156 0.31 0.39 1.49
C VAL A 156 1.02 1.17 2.59
N LYS A 157 1.27 0.48 3.73
CA LYS A 157 1.90 1.08 4.90
C LYS A 157 2.33 -0.09 5.82
N PRO A 158 3.24 0.13 6.78
CA PRO A 158 3.73 -0.99 7.58
C PRO A 158 2.67 -1.82 8.30
N HIS A 159 1.64 -1.18 8.85
CA HIS A 159 0.62 -1.92 9.59
C HIS A 159 -0.26 -2.79 8.69
N ASN A 160 -0.20 -2.57 7.36
CA ASN A 160 -0.93 -3.39 6.41
C ASN A 160 -0.09 -4.52 5.82
N VAL A 161 1.14 -4.73 6.37
CA VAL A 161 2.01 -5.80 5.93
C VAL A 161 2.28 -6.62 7.18
N MET A 162 1.64 -7.79 7.23
N MET A 162 1.66 -7.81 7.26
CA MET A 162 1.82 -8.71 8.40
CA MET A 162 1.76 -8.75 8.39
C MET A 162 2.94 -9.69 8.09
C MET A 162 2.86 -9.77 8.13
N ILE A 163 3.85 -9.87 9.05
CA ILE A 163 4.96 -10.79 8.88
C ILE A 163 5.02 -11.75 10.02
N ASP A 164 5.09 -13.04 9.71
CA ASP A 164 5.32 -14.12 10.67
C ASP A 164 6.78 -14.47 10.37
N HIS A 165 7.68 -13.82 11.09
CA HIS A 165 9.10 -13.89 10.86
C HIS A 165 9.69 -15.31 11.00
N GLU A 166 9.16 -16.14 11.93
CA GLU A 166 9.62 -17.52 12.14
C GLU A 166 9.47 -18.35 10.87
N HIS A 167 8.34 -18.16 10.17
CA HIS A 167 8.01 -18.88 8.95
C HIS A 167 8.33 -18.08 7.67
N ARG A 168 8.95 -16.89 7.80
CA ARG A 168 9.34 -16.00 6.68
C ARG A 168 8.12 -15.79 5.75
N LYS A 169 6.94 -15.65 6.36
CA LYS A 169 5.63 -15.55 5.72
C LYS A 169 5.14 -14.10 5.80
N LEU A 170 4.71 -13.55 4.68
CA LEU A 170 4.25 -12.17 4.66
C LEU A 170 2.86 -12.14 4.01
N ARG A 171 1.96 -11.31 4.54
CA ARG A 171 0.66 -11.05 3.92
C ARG A 171 0.36 -9.59 3.86
N LEU A 172 -0.15 -9.16 2.69
CA LEU A 172 -0.63 -7.81 2.48
C LEU A 172 -2.13 -7.85 2.85
N ILE A 173 -2.52 -7.04 3.85
CA ILE A 173 -3.89 -7.02 4.38
C ILE A 173 -4.58 -5.66 4.12
N ASP A 174 -5.82 -5.55 4.64
CA ASP A 174 -6.68 -4.37 4.64
C ASP A 174 -6.89 -3.80 3.26
N TRP A 175 -7.69 -4.51 2.50
CA TRP A 175 -8.05 -4.14 1.13
C TRP A 175 -9.28 -3.20 1.05
N GLY A 176 -9.69 -2.63 2.19
CA GLY A 176 -10.84 -1.72 2.29
C GLY A 176 -10.77 -0.45 1.47
N LEU A 177 -9.55 0.02 1.17
CA LEU A 177 -9.39 1.21 0.35
C LEU A 177 -9.02 0.85 -1.11
N ALA A 178 -8.86 -0.44 -1.43
CA ALA A 178 -8.45 -0.87 -2.77
C ALA A 178 -9.52 -0.55 -3.80
N GLU A 179 -9.10 -0.31 -5.03
CA GLU A 179 -10.01 0.00 -6.12
C GLU A 179 -9.60 -0.72 -7.39
N PHE A 180 -10.57 -0.89 -8.30
CA PHE A 180 -10.27 -1.41 -9.64
C PHE A 180 -9.76 -0.22 -10.46
N TYR A 181 -8.68 -0.46 -11.24
CA TYR A 181 -8.11 0.57 -12.07
C TYR A 181 -8.78 0.54 -13.44
N HIS A 182 -9.33 1.69 -13.83
CA HIS A 182 -9.99 1.83 -15.12
C HIS A 182 -9.34 3.04 -15.77
N PRO A 183 -8.64 2.89 -16.92
CA PRO A 183 -8.03 4.07 -17.53
C PRO A 183 -8.98 5.24 -17.70
N GLY A 184 -8.53 6.43 -17.34
CA GLY A 184 -9.30 7.66 -17.47
C GLY A 184 -10.21 7.98 -16.31
N GLN A 185 -10.38 7.05 -15.35
CA GLN A 185 -11.24 7.26 -14.18
C GLN A 185 -10.59 8.22 -13.20
N GLU A 186 -11.40 9.15 -12.64
CA GLU A 186 -10.91 10.07 -11.63
C GLU A 186 -11.26 9.47 -10.30
N TYR A 187 -10.26 9.36 -9.42
CA TYR A 187 -10.42 8.70 -8.15
C TYR A 187 -10.35 9.70 -7.03
N ASN A 188 -10.82 9.29 -5.86
CA ASN A 188 -10.77 10.12 -4.69
C ASN A 188 -9.32 10.18 -4.21
N VAL A 189 -8.81 11.39 -3.93
CA VAL A 189 -7.42 11.56 -3.46
C VAL A 189 -7.30 11.31 -1.94
N ARG A 190 -8.45 11.18 -1.23
CA ARG A 190 -8.49 10.95 0.22
C ARG A 190 -8.32 9.45 0.54
N VAL A 191 -7.15 8.93 0.16
CA VAL A 191 -6.77 7.53 0.37
C VAL A 191 -5.37 7.54 0.97
N ALA A 192 -4.90 6.37 1.44
CA ALA A 192 -3.58 6.17 2.07
C ALA A 192 -3.37 7.04 3.34
N SER A 193 -2.49 6.58 4.23
CA SER A 193 -2.17 7.33 5.45
C SER A 193 -1.24 8.47 5.08
N ARG A 194 -1.34 9.62 5.79
CA ARG A 194 -0.56 10.83 5.51
C ARG A 194 0.88 10.60 5.08
N TYR A 195 1.68 9.86 5.88
CA TYR A 195 3.11 9.77 5.59
C TYR A 195 3.44 8.98 4.33
N PHE A 196 2.46 8.25 3.81
CA PHE A 196 2.63 7.41 2.63
C PHE A 196 1.90 7.94 1.40
N LYS A 197 1.22 9.08 1.52
CA LYS A 197 0.47 9.64 0.38
C LYS A 197 1.40 10.09 -0.72
N GLY A 198 1.11 9.68 -1.96
CA GLY A 198 1.92 10.12 -3.08
C GLY A 198 1.70 11.58 -3.40
N PRO A 199 2.68 12.21 -4.10
CA PRO A 199 2.53 13.63 -4.49
C PRO A 199 1.25 13.84 -5.32
N GLU A 200 0.83 12.81 -6.11
CA GLU A 200 -0.42 12.96 -6.88
C GLU A 200 -1.62 13.23 -5.97
N LEU A 201 -1.67 12.57 -4.78
CA LEU A 201 -2.75 12.82 -3.83
C LEU A 201 -2.64 14.19 -3.23
N LEU A 202 -1.39 14.60 -2.89
CA LEU A 202 -1.13 15.86 -2.21
C LEU A 202 -1.34 17.09 -3.08
N VAL A 203 -1.35 16.90 -4.43
CA VAL A 203 -1.57 17.99 -5.39
C VAL A 203 -2.97 17.89 -6.00
N ASP A 204 -3.80 16.94 -5.52
CA ASP A 204 -5.20 16.70 -5.90
C ASP A 204 -5.31 16.28 -7.38
N TYR A 205 -4.37 15.44 -7.84
CA TYR A 205 -4.41 14.90 -9.20
C TYR A 205 -5.19 13.58 -9.11
N GLN A 206 -6.41 13.57 -9.63
CA GLN A 206 -7.30 12.42 -9.47
C GLN A 206 -7.11 11.23 -10.43
N MET A 207 -6.41 11.43 -11.56
CA MET A 207 -6.34 10.34 -12.55
C MET A 207 -5.09 9.48 -12.32
N TYR A 208 -4.96 8.96 -11.09
CA TYR A 208 -3.80 8.18 -10.70
C TYR A 208 -4.02 6.68 -10.92
N ASP A 209 -2.99 5.90 -10.63
CA ASP A 209 -3.06 4.49 -10.94
C ASP A 209 -2.23 3.66 -9.97
N TYR A 210 -1.91 2.44 -10.36
CA TYR A 210 -1.14 1.49 -9.57
C TYR A 210 0.13 2.08 -8.96
N SER A 211 0.74 3.04 -9.69
CA SER A 211 2.03 3.60 -9.29
C SER A 211 1.95 4.32 -7.95
N LEU A 212 0.71 4.65 -7.47
CA LEU A 212 0.60 5.27 -6.13
C LEU A 212 1.19 4.28 -5.09
N ASP A 213 0.92 2.95 -5.27
CA ASP A 213 1.42 1.96 -4.34
C ASP A 213 2.94 1.92 -4.29
N MET A 214 3.58 2.23 -5.43
CA MET A 214 5.03 2.21 -5.53
C MET A 214 5.66 3.38 -4.76
N TRP A 215 4.97 4.55 -4.74
CA TRP A 215 5.46 5.64 -3.89
C TRP A 215 5.39 5.20 -2.40
N SER A 216 4.21 4.65 -2.01
CA SER A 216 4.03 4.25 -0.60
C SER A 216 5.11 3.25 -0.21
N LEU A 217 5.39 2.28 -1.11
CA LEU A 217 6.45 1.28 -0.84
C LEU A 217 7.80 1.97 -0.63
N GLY A 218 8.08 2.98 -1.47
CA GLY A 218 9.34 3.72 -1.34
C GLY A 218 9.41 4.42 0.03
N CYS A 219 8.27 4.98 0.50
CA CYS A 219 8.28 5.64 1.81
C CYS A 219 8.62 4.62 2.90
N MET A 220 8.03 3.41 2.78
CA MET A 220 8.35 2.37 3.79
C MET A 220 9.84 2.02 3.71
N LEU A 221 10.36 1.82 2.48
CA LEU A 221 11.77 1.44 2.36
C LEU A 221 12.68 2.53 2.92
N ALA A 222 12.40 3.81 2.60
CA ALA A 222 13.25 4.89 3.12
C ALA A 222 13.27 4.90 4.65
N SER A 223 12.10 4.73 5.30
N SER A 223 12.10 4.76 5.30
CA SER A 223 12.03 4.72 6.76
CA SER A 223 12.03 4.74 6.76
C SER A 223 12.87 3.58 7.33
C SER A 223 12.78 3.56 7.37
N MET A 224 12.74 2.40 6.69
CA MET A 224 13.43 1.17 7.15
C MET A 224 14.96 1.29 7.04
N ILE A 225 15.47 1.66 5.86
CA ILE A 225 16.94 1.69 5.65
C ILE A 225 17.61 2.86 6.33
N PHE A 226 16.91 4.01 6.42
CA PHE A 226 17.49 5.18 7.06
C PHE A 226 17.23 5.30 8.54
N ARG A 227 16.37 4.44 9.10
CA ARG A 227 16.07 4.49 10.54
C ARG A 227 15.42 5.83 10.88
N LYS A 228 14.47 6.23 10.04
CA LYS A 228 13.81 7.51 10.22
C LYS A 228 12.34 7.26 10.01
N GLU A 229 11.62 7.21 11.12
CA GLU A 229 10.21 6.88 11.18
C GLU A 229 9.31 8.08 11.52
N PRO A 230 8.46 8.57 10.59
CA PRO A 230 8.37 8.23 9.15
C PRO A 230 9.44 8.99 8.40
N PHE A 231 9.65 8.63 7.12
CA PHE A 231 10.70 9.33 6.40
C PHE A 231 10.27 10.77 6.08
N PHE A 232 9.04 10.95 5.55
CA PHE A 232 8.52 12.28 5.24
C PHE A 232 7.48 12.57 6.33
N HIS A 233 7.89 13.42 7.28
CA HIS A 233 7.12 13.65 8.50
C HIS A 233 6.33 14.96 8.51
N GLY A 234 5.26 14.97 7.72
CA GLY A 234 4.42 16.15 7.64
C GLY A 234 3.48 16.34 8.80
N HIS A 235 3.27 17.60 9.19
N HIS A 235 3.28 17.61 9.18
CA HIS A 235 2.33 17.92 10.27
CA HIS A 235 2.38 18.00 10.27
C HIS A 235 0.87 17.71 9.81
C HIS A 235 0.89 17.91 9.84
N ASP A 236 0.62 17.96 8.51
CA ASP A 236 -0.69 17.84 7.88
C ASP A 236 -0.44 17.50 6.40
N ASN A 237 -1.50 17.40 5.55
CA ASN A 237 -1.34 17.07 4.13
C ASN A 237 -0.57 18.13 3.34
N TYR A 238 -0.58 19.41 3.78
CA TYR A 238 0.16 20.43 3.06
C TYR A 238 1.64 20.37 3.43
N ASP A 239 1.95 20.35 4.73
CA ASP A 239 3.34 20.26 5.15
C ASP A 239 3.94 18.93 4.64
N GLN A 240 3.09 17.87 4.44
CA GLN A 240 3.56 16.58 3.87
C GLN A 240 4.25 16.83 2.51
N LEU A 241 3.64 17.65 1.62
CA LEU A 241 4.30 17.94 0.35
C LEU A 241 5.58 18.76 0.54
N VAL A 242 5.60 19.71 1.52
CA VAL A 242 6.81 20.51 1.75
C VAL A 242 7.95 19.58 2.21
N ARG A 243 7.63 18.60 3.05
CA ARG A 243 8.63 17.64 3.54
C ARG A 243 9.22 16.85 2.38
N ILE A 244 8.37 16.48 1.40
CA ILE A 244 8.86 15.78 0.22
C ILE A 244 9.76 16.70 -0.59
N ALA A 245 9.31 17.98 -0.80
CA ALA A 245 10.07 18.95 -1.59
C ALA A 245 11.43 19.28 -0.97
N LYS A 246 11.55 19.19 0.35
CA LYS A 246 12.86 19.40 1.00
C LYS A 246 13.88 18.28 0.68
N VAL A 247 13.39 17.15 0.13
CA VAL A 247 14.26 16.04 -0.24
C VAL A 247 14.38 15.98 -1.75
N LEU A 248 13.26 15.93 -2.48
N LEU A 248 13.22 15.92 -2.43
CA LEU A 248 13.36 15.77 -3.94
CA LEU A 248 13.10 15.75 -3.88
C LEU A 248 13.58 17.08 -4.67
C LEU A 248 13.32 17.05 -4.68
N GLY A 249 13.33 18.19 -3.98
CA GLY A 249 13.53 19.52 -4.58
C GLY A 249 12.27 20.11 -5.16
N THR A 250 12.22 21.45 -5.23
CA THR A 250 11.02 22.11 -5.77
C THR A 250 11.00 22.15 -7.28
N GLU A 251 12.17 22.16 -7.94
CA GLU A 251 12.24 22.24 -9.40
C GLU A 251 11.55 21.05 -10.07
N ASP A 252 11.83 19.84 -9.58
CA ASP A 252 11.15 18.68 -10.15
C ASP A 252 9.67 18.65 -9.82
N LEU A 253 9.27 19.25 -8.68
CA LEU A 253 7.85 19.34 -8.30
C LEU A 253 7.12 20.25 -9.29
N TYR A 254 7.75 21.39 -9.64
CA TYR A 254 7.13 22.29 -10.61
C TYR A 254 7.11 21.68 -12.00
N ASP A 255 8.13 20.89 -12.35
CA ASP A 255 8.12 20.22 -13.65
C ASP A 255 6.95 19.22 -13.69
N TYR A 256 6.72 18.50 -12.56
CA TYR A 256 5.63 17.53 -12.43
C TYR A 256 4.28 18.22 -12.62
N ILE A 257 4.00 19.27 -11.81
CA ILE A 257 2.70 19.91 -11.92
C ILE A 257 2.54 20.56 -13.32
N ASP A 258 3.66 21.07 -13.91
CA ASP A 258 3.58 21.66 -15.27
C ASP A 258 3.25 20.61 -16.34
N LYS A 259 3.89 19.42 -16.24
CA LYS A 259 3.62 18.33 -17.19
C LYS A 259 2.12 17.99 -17.20
N TYR A 260 1.48 17.92 -16.02
CA TYR A 260 0.08 17.53 -15.96
C TYR A 260 -0.86 18.73 -15.93
N ASN A 261 -0.32 19.97 -16.16
CA ASN A 261 -1.15 21.18 -16.17
C ASN A 261 -2.02 21.27 -14.85
N ILE A 262 -1.37 20.93 -13.69
CA ILE A 262 -1.95 20.95 -12.34
C ILE A 262 -1.58 22.34 -11.75
N GLU A 263 -2.51 22.94 -11.02
CA GLU A 263 -2.24 24.19 -10.33
C GLU A 263 -2.17 23.87 -8.85
N LEU A 264 -1.07 24.25 -8.17
CA LEU A 264 -0.99 23.97 -6.75
C LEU A 264 -2.00 24.86 -6.04
N ASP A 265 -2.47 24.39 -4.90
CA ASP A 265 -3.33 25.14 -4.01
C ASP A 265 -2.52 26.43 -3.70
N PRO A 266 -3.09 27.64 -3.86
CA PRO A 266 -2.31 28.87 -3.57
C PRO A 266 -1.76 28.96 -2.15
N ARG A 267 -2.27 28.13 -1.21
CA ARG A 267 -1.73 28.11 0.15
C ARG A 267 -0.26 27.61 0.19
N PHE A 268 0.21 26.95 -0.91
CA PHE A 268 1.61 26.51 -1.01
C PHE A 268 2.60 27.66 -1.31
N ASN A 269 2.10 28.82 -1.82
CA ASN A 269 2.93 29.98 -2.15
C ASN A 269 3.76 30.50 -0.97
N ASP A 270 3.22 30.45 0.26
CA ASP A 270 3.88 30.96 1.45
C ASP A 270 4.54 29.86 2.34
N ILE A 271 4.61 28.60 1.86
CA ILE A 271 5.20 27.51 2.68
C ILE A 271 6.18 26.58 1.93
N LEU A 272 6.07 26.51 0.60
CA LEU A 272 6.88 25.59 -0.18
C LEU A 272 8.37 25.95 -0.29
N GLY A 273 8.68 27.23 -0.49
CA GLY A 273 10.06 27.68 -0.64
C GLY A 273 10.73 27.19 -1.91
N ARG A 274 12.07 27.27 -1.93
CA ARG A 274 12.93 26.83 -3.03
C ARG A 274 13.93 25.86 -2.44
N HIS A 275 13.87 24.59 -2.88
CA HIS A 275 14.73 23.54 -2.33
C HIS A 275 15.40 22.78 -3.43
N SER A 276 16.68 22.49 -3.25
CA SER A 276 17.37 21.69 -4.24
C SER A 276 17.08 20.22 -3.94
N ARG A 277 17.26 19.36 -4.95
CA ARG A 277 17.16 17.92 -4.71
C ARG A 277 18.38 17.55 -3.86
N LYS A 278 18.18 16.70 -2.84
CA LYS A 278 19.26 16.25 -1.98
C LYS A 278 19.79 14.89 -2.48
N ARG A 279 21.09 14.64 -2.30
CA ARG A 279 21.64 13.31 -2.69
C ARG A 279 21.24 12.37 -1.55
N TRP A 280 20.86 11.10 -1.90
CA TRP A 280 20.37 10.18 -0.87
C TRP A 280 21.38 9.94 0.25
N GLU A 281 22.68 10.08 -0.04
CA GLU A 281 23.78 9.92 0.95
C GLU A 281 23.70 10.87 2.14
N ARG A 282 22.98 11.98 1.97
CA ARG A 282 22.77 12.96 3.08
C ARG A 282 22.10 12.28 4.28
N PHE A 283 21.30 11.25 4.04
CA PHE A 283 20.52 10.58 5.09
C PHE A 283 21.26 9.41 5.77
N VAL A 284 22.47 9.11 5.28
CA VAL A 284 23.27 7.99 5.83
C VAL A 284 24.04 8.49 7.04
N HIS A 285 24.10 7.66 8.08
CA HIS A 285 24.85 7.98 9.29
C HIS A 285 25.29 6.68 9.95
N SER A 286 26.07 6.77 11.03
CA SER A 286 26.62 5.56 11.63
C SER A 286 25.58 4.55 12.14
N GLU A 287 24.37 4.99 12.47
CA GLU A 287 23.30 4.13 13.00
C GLU A 287 22.45 3.46 11.91
N ASN A 288 22.62 3.85 10.65
CA ASN A 288 21.86 3.17 9.60
C ASN A 288 22.75 2.63 8.49
N GLN A 289 24.09 2.84 8.55
N GLN A 289 24.10 2.82 8.58
CA GLN A 289 24.98 2.44 7.45
CA GLN A 289 25.06 2.41 7.55
C GLN A 289 24.91 0.94 7.14
C GLN A 289 24.91 0.95 7.17
N HIS A 290 24.59 0.11 8.16
CA HIS A 290 24.47 -1.34 8.00
C HIS A 290 23.27 -1.74 7.14
N LEU A 291 22.37 -0.79 6.83
CA LEU A 291 21.16 -1.10 6.06
C LEU A 291 21.20 -0.46 4.69
N VAL A 292 22.21 0.38 4.45
CA VAL A 292 22.35 1.15 3.24
C VAL A 292 23.41 0.54 2.34
N SER A 293 23.17 0.61 1.04
CA SER A 293 24.07 0.17 0.00
C SER A 293 23.81 1.04 -1.22
N PRO A 294 24.75 1.10 -2.18
CA PRO A 294 24.50 1.86 -3.42
C PRO A 294 23.24 1.32 -4.13
N GLU A 295 23.01 -0.03 -4.12
CA GLU A 295 21.82 -0.65 -4.75
C GLU A 295 20.54 -0.24 -4.03
N ALA A 296 20.57 -0.11 -2.65
CA ALA A 296 19.35 0.35 -1.94
C ALA A 296 18.99 1.76 -2.35
N LEU A 297 20.02 2.64 -2.40
CA LEU A 297 19.79 4.04 -2.75
C LEU A 297 19.33 4.18 -4.18
N ASP A 298 19.88 3.40 -5.12
CA ASP A 298 19.45 3.52 -6.51
C ASP A 298 17.99 3.05 -6.61
N PHE A 299 17.67 1.95 -5.89
CA PHE A 299 16.30 1.44 -5.92
C PHE A 299 15.31 2.48 -5.37
N LEU A 300 15.66 3.04 -4.19
CA LEU A 300 14.79 4.04 -3.57
C LEU A 300 14.60 5.23 -4.50
N ASP A 301 15.68 5.67 -5.17
CA ASP A 301 15.63 6.81 -6.07
C ASP A 301 14.64 6.59 -7.21
N LYS A 302 14.47 5.33 -7.63
CA LYS A 302 13.58 5.03 -8.73
C LYS A 302 12.10 4.81 -8.32
N LEU A 303 11.85 4.76 -6.97
CA LEU A 303 10.47 4.66 -6.45
C LEU A 303 9.98 6.06 -6.09
N LEU A 304 10.86 6.83 -5.39
CA LEU A 304 10.43 8.13 -4.89
C LEU A 304 10.63 9.24 -5.90
N ARG A 305 9.75 9.26 -6.90
CA ARG A 305 9.76 10.23 -7.98
C ARG A 305 8.42 10.93 -8.02
N TYR A 306 8.42 12.25 -8.22
CA TYR A 306 7.14 12.93 -8.25
C TYR A 306 6.25 12.36 -9.34
N ASP A 307 6.80 12.26 -10.55
CA ASP A 307 6.02 11.81 -11.72
C ASP A 307 5.63 10.36 -11.60
N HIS A 308 4.38 10.14 -11.30
CA HIS A 308 3.86 8.79 -11.11
C HIS A 308 4.14 7.88 -12.29
N GLN A 309 4.22 8.44 -13.52
CA GLN A 309 4.52 7.61 -14.71
C GLN A 309 5.98 7.20 -14.83
N SER A 310 6.87 7.82 -14.02
N SER A 310 6.88 7.80 -14.03
CA SER A 310 8.31 7.60 -14.07
CA SER A 310 8.31 7.53 -14.12
C SER A 310 8.84 6.66 -13.01
C SER A 310 8.81 6.55 -13.08
N ARG A 311 7.98 6.23 -12.05
CA ARG A 311 8.39 5.30 -10.99
C ARG A 311 8.52 3.91 -11.55
N LEU A 312 9.40 3.10 -10.90
CA LEU A 312 9.42 1.68 -11.27
C LEU A 312 8.05 1.06 -11.05
N THR A 313 7.69 0.13 -11.96
CA THR A 313 6.50 -0.70 -11.74
C THR A 313 6.93 -1.85 -10.80
N ALA A 314 5.96 -2.58 -10.23
CA ALA A 314 6.37 -3.66 -9.31
C ALA A 314 7.22 -4.72 -9.98
N ARG A 315 6.85 -5.11 -11.20
CA ARG A 315 7.65 -6.12 -11.94
C ARG A 315 9.05 -5.58 -12.27
N GLU A 316 9.16 -4.33 -12.69
CA GLU A 316 10.50 -3.73 -12.96
C GLU A 316 11.31 -3.72 -11.65
N ALA A 317 10.65 -3.38 -10.56
CA ALA A 317 11.33 -3.30 -9.25
C ALA A 317 11.95 -4.68 -8.86
N MET A 318 11.24 -5.78 -9.18
N MET A 318 11.23 -5.77 -9.16
CA MET A 318 11.71 -7.14 -8.87
CA MET A 318 11.70 -7.13 -8.84
C MET A 318 13.02 -7.51 -9.57
C MET A 318 13.00 -7.52 -9.57
N GLU A 319 13.30 -6.83 -10.69
CA GLU A 319 14.50 -7.03 -11.51
C GLU A 319 15.69 -6.22 -10.98
N HIS A 320 15.46 -5.36 -9.99
CA HIS A 320 16.53 -4.45 -9.55
C HIS A 320 17.67 -5.16 -8.83
N PRO A 321 18.93 -4.67 -9.04
CA PRO A 321 20.10 -5.26 -8.36
C PRO A 321 19.99 -5.40 -6.85
N TYR A 322 19.17 -4.52 -6.22
CA TYR A 322 18.99 -4.58 -4.76
C TYR A 322 18.55 -6.00 -4.31
N PHE A 323 17.86 -6.73 -5.20
CA PHE A 323 17.35 -8.07 -4.86
C PHE A 323 18.24 -9.20 -5.31
N TYR A 324 19.39 -8.92 -5.97
CA TYR A 324 20.22 -10.01 -6.45
C TYR A 324 20.66 -10.95 -5.34
N THR A 325 20.86 -10.42 -4.11
N THR A 325 20.85 -10.42 -4.12
CA THR A 325 21.32 -11.25 -2.97
CA THR A 325 21.32 -11.20 -2.98
C THR A 325 20.22 -12.16 -2.42
C THR A 325 20.23 -12.04 -2.30
N VAL A 326 18.94 -11.80 -2.69
CA VAL A 326 17.82 -12.57 -2.14
C VAL A 326 17.75 -13.94 -2.76
N VAL A 327 17.73 -15.00 -1.90
CA VAL A 327 17.59 -16.37 -2.37
C VAL A 327 16.23 -16.52 -3.05
N LYS A 328 16.23 -16.99 -4.32
CA LYS A 328 15.00 -17.25 -5.09
C LYS A 328 14.92 -18.73 -5.45
PG ATP B . -4.85 0.50 10.31
O1G ATP B . -6.15 0.32 11.08
O2G ATP B . -4.96 0.07 8.86
O3G ATP B . -4.28 1.88 10.47
PB ATP B . -3.81 -1.84 11.79
O1B ATP B . -2.89 -1.75 12.97
O2B ATP B . -3.62 -2.96 10.80
O3B ATP B . -3.75 -0.46 11.00
PA ATP B . -6.35 -2.98 12.90
O1A ATP B . -6.41 -4.11 11.94
O2A ATP B . -7.63 -2.29 13.26
O3A ATP B . -5.32 -1.88 12.34
O5' ATP B . -5.64 -3.48 14.25
C5' ATP B . -4.36 -4.17 14.15
C4' ATP B . -4.53 -5.61 14.60
O4' ATP B . -5.07 -6.39 13.51
C3' ATP B . -3.23 -6.32 15.01
O3' ATP B . -3.32 -6.77 16.36
C2' ATP B . -3.11 -7.50 14.04
O2' ATP B . -2.58 -8.65 14.66
C1' ATP B . -4.55 -7.69 13.62
N9 ATP B . -4.76 -8.38 12.35
C8 ATP B . -5.36 -7.89 11.22
N7 ATP B . -5.42 -8.79 10.26
C5 ATP B . -4.82 -9.92 10.80
C6 ATP B . -4.58 -11.21 10.27
N6 ATP B . -4.93 -11.59 9.06
N1 ATP B . -3.96 -12.10 11.09
C2 ATP B . -3.62 -11.71 12.32
N3 ATP B . -3.80 -10.54 12.92
C4 ATP B . -4.42 -9.68 12.08
C ACT C . -12.54 5.44 -1.43
O ACT C . -12.79 4.52 -0.61
OXT ACT C . -12.57 5.33 -2.71
CH3 ACT C . -12.17 6.78 -0.83
C ACT D . -19.21 -12.76 14.32
O ACT D . -19.24 -11.65 13.74
OXT ACT D . -19.73 -13.01 15.45
CH3 ACT D . -18.46 -13.91 13.61
C1 H4N E . 9.13 -4.71 5.89
C2 H4N E . 7.96 -4.48 5.19
C3 H4N E . 6.76 -4.37 5.88
C4 H4N E . 6.76 -4.51 7.27
C5 H4N E . 6.23 -4.68 9.43
C6 H4N E . 7.58 -4.85 9.36
C7 H4N E . 7.95 -4.75 7.98
C8 H4N E . 9.14 -4.85 7.28
N1 H4N E . 5.72 -4.47 8.17
BR1 H4N E . 10.77 -4.78 4.94
C1 H4N F . 8.77 -0.52 7.33
C2 H4N F . 8.89 0.86 7.50
C3 H4N F . 8.54 1.44 8.71
C4 H4N F . 8.08 0.61 9.74
C5 H4N F . 7.30 -0.24 11.65
C6 H4N F . 7.46 -1.30 10.82
C7 H4N F . 7.95 -0.78 9.57
C8 H4N F . 8.29 -1.34 8.34
N1 H4N F . 7.68 0.92 11.02
BR1 H4N F . 9.40 -1.31 5.72
#